data_3B5B
#
_entry.id   3B5B
#
_cell.length_a   127.370
_cell.length_b   127.370
_cell.length_c   67.840
_cell.angle_alpha   90.000
_cell.angle_beta   90.000
_cell.angle_gamma   120.000
#
_symmetry.space_group_name_H-M   'P 63'
#
loop_
_entity.id
_entity.type
_entity.pdbx_description
1 polymer 'Thymidylate synthase'
2 non-polymer "2'-DEOXY-5-NITROURIDINE 5'-MONOPHOSPHATE"
3 non-polymer 'FORMIC ACID'
4 non-polymer "2'-DEOXY-5-NITROURIDINE 5'-(DIHYDROGEN PHOSPHATE)"
5 water water
#
_entity_poly.entity_id   1
_entity_poly.type   'polypeptide(L)'
_entity_poly.pdbx_seq_one_letter_code
;MKQYLELMQKVLDEGTQKNDRTGTGTLSIFGHQMRFNLQDGFPLVTTQRCHLRSIIHELLWFLQGDTNIAYLHENNVTIW
DEWADENGDLGPVYGKQWRAWPTPDGRHIDQITTVLNQLKNDPDSRRIIVSAWNVGELDKMALAPCHAFFQFYVADGKLS
CQLYQRSCDVFLGLPFNIASYALLVHMMAQQCDLEVGDFVWTGGDTHLYSNHMDQTHLQLSREPRPLPKLIIKRKPESIF
DYRFEDFEIEGYDPHPGIKAPVAI
;
_entity_poly.pdbx_strand_id   A,B
#
# COMPACT_ATOMS: atom_id res chain seq x y z
N MET A 1 4.33 -13.34 -18.69
CA MET A 1 5.35 -13.70 -17.71
C MET A 1 4.78 -14.70 -16.74
N LYS A 2 5.65 -15.54 -16.19
CA LYS A 2 5.21 -16.56 -15.26
C LYS A 2 4.35 -16.01 -14.14
N GLN A 3 4.82 -14.94 -13.48
CA GLN A 3 4.07 -14.36 -12.36
C GLN A 3 2.73 -13.84 -12.81
N TYR A 4 2.75 -13.09 -13.91
CA TYR A 4 1.54 -12.50 -14.47
C TYR A 4 0.48 -13.56 -14.81
N LEU A 5 0.88 -14.62 -15.53
CA LEU A 5 -0.03 -15.67 -15.91
C LEU A 5 -0.57 -16.44 -14.71
N GLU A 6 0.25 -16.65 -13.68
CA GLU A 6 -0.22 -17.37 -12.51
C GLU A 6 -1.27 -16.56 -11.78
N LEU A 7 -1.06 -15.24 -11.77
CA LEU A 7 -1.99 -14.32 -11.12
C LEU A 7 -3.31 -14.41 -11.87
N MET A 8 -3.22 -14.29 -13.18
CA MET A 8 -4.38 -14.37 -14.05
C MET A 8 -5.19 -15.65 -13.73
N GLN A 9 -4.52 -16.79 -13.69
CA GLN A 9 -5.14 -18.07 -13.40
C GLN A 9 -5.76 -18.09 -12.00
N LYS A 10 -5.11 -17.40 -11.07
CA LYS A 10 -5.60 -17.35 -9.70
C LYS A 10 -6.94 -16.61 -9.56
N VAL A 11 -7.13 -15.58 -10.38
CA VAL A 11 -8.35 -14.80 -10.36
C VAL A 11 -9.47 -15.70 -10.87
N LEU A 12 -9.17 -16.49 -11.90
CA LEU A 12 -10.15 -17.40 -12.47
C LEU A 12 -10.57 -18.48 -11.49
N ASP A 13 -9.60 -19.04 -10.77
CA ASP A 13 -9.86 -20.09 -9.80
C ASP A 13 -10.46 -19.63 -8.49
N GLU A 14 -9.97 -18.52 -7.95
CA GLU A 14 -10.46 -18.03 -6.66
C GLU A 14 -11.32 -16.79 -6.70
N GLY A 15 -11.37 -16.12 -7.85
CA GLY A 15 -12.15 -14.91 -7.95
C GLY A 15 -13.62 -15.07 -7.63
N THR A 16 -14.23 -14.01 -7.13
CA THR A 16 -15.64 -14.01 -6.80
C THR A 16 -16.32 -13.03 -7.74
N GLN A 17 -17.54 -13.34 -8.12
CA GLN A 17 -18.31 -12.51 -9.03
C GLN A 17 -18.74 -11.19 -8.37
N LYS A 18 -18.25 -10.07 -8.90
CA LYS A 18 -18.60 -8.77 -8.35
C LYS A 18 -19.17 -7.80 -9.37
N ASN A 19 -20.06 -6.94 -8.90
CA ASN A 19 -20.70 -5.94 -9.76
C ASN A 19 -19.84 -4.69 -9.59
N ASP A 20 -19.45 -4.04 -10.67
CA ASP A 20 -18.60 -2.86 -10.51
C ASP A 20 -19.24 -1.55 -10.93
N ARG A 21 -18.45 -0.50 -10.83
CA ARG A 21 -18.85 0.87 -11.17
C ARG A 21 -19.38 1.02 -12.60
N THR A 22 -18.76 0.31 -13.54
CA THR A 22 -19.16 0.39 -14.95
C THR A 22 -20.37 -0.47 -15.28
N GLY A 23 -20.73 -1.37 -14.37
CA GLY A 23 -21.87 -2.23 -14.61
C GLY A 23 -21.52 -3.42 -15.48
N THR A 24 -20.23 -3.56 -15.79
CA THR A 24 -19.72 -4.63 -16.62
C THR A 24 -19.67 -5.96 -15.88
N GLY A 25 -19.30 -5.89 -14.61
CA GLY A 25 -19.20 -7.10 -13.82
C GLY A 25 -17.77 -7.59 -13.90
N THR A 26 -17.25 -8.12 -12.80
CA THR A 26 -15.88 -8.61 -12.76
C THR A 26 -15.75 -9.85 -11.91
N LEU A 27 -14.59 -10.48 -12.04
CA LEU A 27 -14.23 -11.62 -11.24
C LEU A 27 -13.04 -11.04 -10.48
N SER A 28 -13.09 -11.02 -9.16
CA SER A 28 -11.99 -10.44 -8.42
C SER A 28 -11.56 -11.12 -7.12
N ILE A 29 -10.30 -10.90 -6.76
CA ILE A 29 -9.74 -11.40 -5.51
C ILE A 29 -9.25 -10.13 -4.83
N PHE A 30 -8.96 -10.21 -3.53
CA PHE A 30 -8.47 -9.05 -2.78
C PHE A 30 -7.15 -9.37 -2.11
N GLY A 31 -6.14 -8.58 -2.43
CA GLY A 31 -4.85 -8.81 -1.82
C GLY A 31 -4.00 -9.83 -2.57
N HIS A 32 -2.90 -9.35 -3.15
CA HIS A 32 -1.97 -10.20 -3.86
C HIS A 32 -0.63 -9.48 -4.01
N GLN A 33 0.45 -10.24 -4.05
CA GLN A 33 1.78 -9.67 -4.17
C GLN A 33 2.70 -10.54 -5.02
N MET A 34 3.46 -9.91 -5.89
CA MET A 34 4.41 -10.62 -6.73
C MET A 34 5.66 -9.76 -6.89
N ARG A 35 6.80 -10.42 -6.99
CA ARG A 35 8.08 -9.76 -7.10
C ARG A 35 8.73 -9.99 -8.45
N PHE A 36 9.49 -9.02 -8.93
CA PHE A 36 10.19 -9.12 -10.20
C PHE A 36 11.64 -8.70 -10.00
N ASN A 37 12.58 -9.61 -10.16
CA ASN A 37 13.99 -9.27 -10.01
C ASN A 37 14.36 -8.60 -11.33
N LEU A 38 14.55 -7.29 -11.31
CA LEU A 38 14.86 -6.58 -12.54
C LEU A 38 16.20 -6.95 -13.17
N GLN A 39 16.99 -7.75 -12.46
CA GLN A 39 18.27 -8.18 -13.00
C GLN A 39 17.99 -9.28 -14.05
N ASP A 40 16.94 -10.07 -13.84
CA ASP A 40 16.62 -11.13 -14.79
C ASP A 40 16.13 -10.61 -16.12
N GLY A 41 15.74 -9.34 -16.18
CA GLY A 41 15.26 -8.78 -17.42
C GLY A 41 14.11 -7.80 -17.24
N PHE A 42 13.79 -7.04 -18.28
CA PHE A 42 12.72 -6.06 -18.23
C PHE A 42 11.35 -6.75 -18.26
N PRO A 43 10.55 -6.57 -17.19
CA PRO A 43 9.21 -7.17 -17.06
C PRO A 43 8.11 -6.70 -18.02
N LEU A 44 8.30 -6.99 -19.30
CA LEU A 44 7.32 -6.61 -20.33
C LEU A 44 6.71 -7.90 -20.88
N VAL A 45 5.39 -8.06 -20.72
CA VAL A 45 4.69 -9.27 -21.18
C VAL A 45 5.02 -9.72 -22.59
N THR A 46 5.20 -11.03 -22.75
CA THR A 46 5.52 -11.61 -24.05
C THR A 46 4.34 -12.39 -24.62
N THR A 47 3.43 -12.83 -23.76
CA THR A 47 2.29 -13.60 -24.24
C THR A 47 1.24 -12.67 -24.84
N GLN A 48 1.64 -11.42 -25.03
CA GLN A 48 0.79 -10.37 -25.58
C GLN A 48 1.71 -9.23 -26.03
N ARG A 49 1.46 -8.66 -27.20
CA ARG A 49 2.30 -7.58 -27.68
C ARG A 49 1.94 -6.27 -27.01
N CYS A 50 2.90 -5.63 -26.35
CA CYS A 50 2.61 -4.36 -25.70
C CYS A 50 3.25 -3.22 -26.48
N HIS A 51 2.55 -2.08 -26.49
CA HIS A 51 2.99 -0.88 -27.22
C HIS A 51 3.91 -0.02 -26.34
N LEU A 52 5.22 -0.25 -26.45
CA LEU A 52 6.18 0.48 -25.63
C LEU A 52 6.14 2.01 -25.76
N ARG A 53 5.72 2.50 -26.92
CA ARG A 53 5.64 3.94 -27.14
C ARG A 53 4.70 4.62 -26.13
N SER A 54 3.55 3.99 -25.90
CA SER A 54 2.57 4.54 -24.96
C SER A 54 3.07 4.54 -23.53
N ILE A 55 3.67 3.44 -23.12
CA ILE A 55 4.17 3.32 -21.76
C ILE A 55 5.19 4.39 -21.44
N ILE A 56 6.16 4.59 -22.32
CA ILE A 56 7.19 5.58 -22.08
C ILE A 56 6.67 7.01 -22.07
N HIS A 57 5.86 7.36 -23.06
CA HIS A 57 5.34 8.73 -23.12
C HIS A 57 4.43 9.10 -21.97
N GLU A 58 3.70 8.13 -21.43
CA GLU A 58 2.84 8.44 -20.32
C GLU A 58 3.71 8.75 -19.09
N LEU A 59 4.75 7.96 -18.90
CA LEU A 59 5.64 8.15 -17.78
C LEU A 59 6.36 9.48 -17.83
N LEU A 60 6.87 9.85 -19.01
CA LEU A 60 7.57 11.12 -19.16
C LEU A 60 6.58 12.24 -18.86
N TRP A 61 5.35 12.02 -19.27
CA TRP A 61 4.24 12.95 -19.07
C TRP A 61 4.02 13.12 -17.56
N PHE A 62 3.92 12.00 -16.83
CA PHE A 62 3.74 12.03 -15.39
C PHE A 62 4.85 12.87 -14.74
N LEU A 63 6.10 12.56 -15.09
CA LEU A 63 7.26 13.25 -14.55
C LEU A 63 7.33 14.74 -14.85
N GLN A 64 6.56 15.19 -15.82
CA GLN A 64 6.55 16.61 -16.12
C GLN A 64 5.56 17.32 -15.20
N GLY A 65 4.62 16.57 -14.63
CA GLY A 65 3.62 17.16 -13.76
C GLY A 65 2.48 17.67 -14.60
N ASP A 66 2.33 17.06 -15.78
CA ASP A 66 1.29 17.42 -16.73
C ASP A 66 0.05 16.56 -16.55
N THR A 67 -1.13 17.16 -16.70
CA THR A 67 -2.39 16.45 -16.54
C THR A 67 -3.32 16.74 -17.72
N ASN A 68 -2.76 17.30 -18.78
CA ASN A 68 -3.52 17.61 -20.00
C ASN A 68 -3.00 16.68 -21.08
N ILE A 69 -3.92 16.13 -21.88
CA ILE A 69 -3.54 15.19 -22.91
C ILE A 69 -2.87 15.75 -24.16
N ALA A 70 -2.73 17.07 -24.25
CA ALA A 70 -2.11 17.69 -25.42
C ALA A 70 -0.76 17.03 -25.74
N TYR A 71 0.08 16.90 -24.73
CA TYR A 71 1.40 16.28 -24.91
C TYR A 71 1.28 14.87 -25.48
N LEU A 72 0.34 14.09 -24.95
CA LEU A 72 0.16 12.72 -25.41
C LEU A 72 -0.32 12.69 -26.86
N HIS A 73 -1.11 13.69 -27.25
CA HIS A 73 -1.58 13.75 -28.63
C HIS A 73 -0.42 14.03 -29.57
N GLU A 74 0.43 14.99 -29.19
CA GLU A 74 1.57 15.34 -30.01
C GLU A 74 2.44 14.12 -30.31
N ASN A 75 2.30 13.06 -29.51
CA ASN A 75 3.09 11.86 -29.71
C ASN A 75 2.25 10.64 -30.04
N ASN A 76 1.02 10.90 -30.48
CA ASN A 76 0.09 9.84 -30.88
C ASN A 76 -0.32 8.81 -29.84
N VAL A 77 -0.50 9.25 -28.60
CA VAL A 77 -0.92 8.35 -27.53
C VAL A 77 -2.32 8.78 -27.14
N THR A 78 -3.26 7.85 -27.28
CA THR A 78 -4.67 8.12 -27.01
C THR A 78 -5.23 7.32 -25.85
N ILE A 79 -4.36 6.86 -24.97
CA ILE A 79 -4.81 6.05 -23.84
C ILE A 79 -5.64 6.80 -22.80
N TRP A 80 -5.59 8.13 -22.81
CA TRP A 80 -6.35 8.91 -21.84
C TRP A 80 -7.50 9.73 -22.42
N ASP A 81 -7.78 9.56 -23.71
CA ASP A 81 -8.84 10.30 -24.36
C ASP A 81 -10.24 10.21 -23.73
N GLU A 82 -10.65 9.02 -23.34
CA GLU A 82 -11.98 8.82 -22.76
C GLU A 82 -12.32 9.60 -21.49
N TRP A 83 -11.32 9.97 -20.71
CA TRP A 83 -11.59 10.66 -19.47
C TRP A 83 -11.36 12.17 -19.50
N ALA A 84 -10.64 12.64 -20.51
CA ALA A 84 -10.34 14.07 -20.62
C ALA A 84 -11.55 14.87 -21.03
N ASP A 85 -11.68 16.07 -20.48
CA ASP A 85 -12.80 16.93 -20.83
C ASP A 85 -12.53 17.59 -22.18
N GLU A 86 -13.36 18.57 -22.53
CA GLU A 86 -13.23 19.27 -23.80
C GLU A 86 -11.87 19.93 -24.01
N ASN A 87 -11.23 20.32 -22.92
CA ASN A 87 -9.93 20.99 -22.97
C ASN A 87 -8.77 20.03 -22.86
N GLY A 88 -9.06 18.75 -22.67
CA GLY A 88 -8.01 17.76 -22.54
C GLY A 88 -7.49 17.66 -21.12
N ASP A 89 -8.19 18.27 -20.17
CA ASP A 89 -7.78 18.23 -18.77
C ASP A 89 -8.38 17.02 -18.06
N LEU A 90 -7.62 16.48 -17.11
CA LEU A 90 -8.05 15.30 -16.35
C LEU A 90 -8.15 15.63 -14.87
N GLY A 91 -7.79 16.86 -14.50
CA GLY A 91 -7.82 17.24 -13.10
C GLY A 91 -6.48 16.94 -12.46
N PRO A 92 -6.31 17.20 -11.16
CA PRO A 92 -5.01 16.93 -10.51
C PRO A 92 -4.67 15.43 -10.31
N VAL A 93 -4.48 14.71 -11.41
CA VAL A 93 -4.15 13.29 -11.34
C VAL A 93 -2.64 13.04 -11.22
N TYR A 94 -2.27 11.76 -11.19
CA TYR A 94 -0.88 11.32 -11.05
C TYR A 94 0.24 12.36 -11.09
N GLY A 95 0.54 12.88 -12.28
CA GLY A 95 1.62 13.84 -12.42
C GLY A 95 1.57 15.06 -11.52
N LYS A 96 0.38 15.59 -11.30
CA LYS A 96 0.22 16.77 -10.47
C LYS A 96 0.59 16.47 -9.02
N GLN A 97 0.11 15.34 -8.49
CA GLN A 97 0.41 14.96 -7.12
C GLN A 97 1.87 14.61 -6.93
N TRP A 98 2.47 14.02 -7.96
CA TRP A 98 3.87 13.64 -7.93
C TRP A 98 4.80 14.84 -7.86
N ARG A 99 4.56 15.82 -8.72
CA ARG A 99 5.42 16.99 -8.80
C ARG A 99 4.98 18.19 -7.98
N ALA A 100 3.72 18.22 -7.56
CA ALA A 100 3.24 19.37 -6.81
C ALA A 100 2.04 19.13 -5.93
N TRP A 101 2.20 18.28 -4.93
CA TRP A 101 1.13 17.98 -3.98
C TRP A 101 0.88 19.29 -3.24
N PRO A 102 -0.35 19.81 -3.32
CA PRO A 102 -0.69 21.06 -2.64
C PRO A 102 -0.99 20.90 -1.15
N THR A 103 -0.29 21.67 -0.32
CA THR A 103 -0.50 21.62 1.13
C THR A 103 -1.52 22.67 1.52
N PRO A 104 -2.14 22.52 2.70
CA PRO A 104 -3.15 23.49 3.14
C PRO A 104 -2.61 24.92 3.38
N ASP A 105 -1.32 25.04 3.71
CA ASP A 105 -0.75 26.36 3.93
C ASP A 105 -0.12 26.98 2.67
N GLY A 106 -0.78 26.81 1.53
CA GLY A 106 -0.30 27.41 0.30
C GLY A 106 0.97 26.92 -0.36
N ARG A 107 1.66 25.94 0.20
CA ARG A 107 2.87 25.42 -0.42
C ARG A 107 2.61 24.22 -1.34
N HIS A 108 3.65 23.80 -2.04
CA HIS A 108 3.57 22.67 -2.95
C HIS A 108 4.78 21.77 -2.81
N ILE A 109 4.54 20.48 -2.63
CA ILE A 109 5.63 19.54 -2.44
C ILE A 109 5.91 18.66 -3.66
N ASP A 110 7.16 18.71 -4.12
CA ASP A 110 7.64 17.93 -5.26
C ASP A 110 8.15 16.60 -4.69
N GLN A 111 7.31 15.57 -4.72
CA GLN A 111 7.65 14.27 -4.16
C GLN A 111 8.74 13.50 -4.89
N ILE A 112 8.86 13.71 -6.20
CA ILE A 112 9.86 13.03 -6.98
C ILE A 112 11.24 13.53 -6.58
N THR A 113 11.39 14.85 -6.54
CA THR A 113 12.67 15.45 -6.17
C THR A 113 13.08 15.05 -4.75
N THR A 114 12.17 15.15 -3.78
CA THR A 114 12.53 14.80 -2.41
C THR A 114 12.97 13.34 -2.33
N VAL A 115 12.36 12.48 -3.12
CA VAL A 115 12.74 11.08 -3.13
C VAL A 115 14.18 10.95 -3.66
N LEU A 116 14.50 11.68 -4.73
CA LEU A 116 15.84 11.65 -5.28
C LEU A 116 16.84 12.11 -4.22
N ASN A 117 16.46 13.13 -3.46
CA ASN A 117 17.32 13.65 -2.40
C ASN A 117 17.52 12.62 -1.32
N GLN A 118 16.46 11.89 -0.99
CA GLN A 118 16.54 10.86 0.04
C GLN A 118 17.40 9.68 -0.40
N LEU A 119 17.33 9.31 -1.68
CA LEU A 119 18.12 8.20 -2.17
C LEU A 119 19.60 8.55 -2.22
N LYS A 120 19.91 9.82 -2.39
CA LYS A 120 21.31 10.23 -2.46
C LYS A 120 21.91 10.54 -1.10
N ASN A 121 21.11 11.14 -0.21
CA ASN A 121 21.60 11.52 1.10
C ASN A 121 21.21 10.64 2.27
N ASP A 122 20.10 9.93 2.15
CA ASP A 122 19.65 9.08 3.24
C ASP A 122 18.92 7.86 2.69
N PRO A 123 19.63 6.99 1.95
CA PRO A 123 19.07 5.79 1.36
C PRO A 123 18.51 4.76 2.35
N ASP A 124 18.95 4.83 3.61
CA ASP A 124 18.46 3.89 4.60
C ASP A 124 17.14 4.32 5.22
N SER A 125 16.64 5.46 4.77
CA SER A 125 15.38 5.96 5.28
C SER A 125 14.22 5.01 4.94
N ARG A 126 13.25 4.96 5.83
CA ARG A 126 12.09 4.11 5.65
C ARG A 126 10.86 4.94 5.30
N ARG A 127 11.09 6.16 4.81
CA ARG A 127 10.03 7.09 4.43
C ARG A 127 10.17 7.56 2.99
N ILE A 128 10.89 6.80 2.16
CA ILE A 128 11.09 7.16 0.77
C ILE A 128 9.81 6.78 0.02
N ILE A 129 8.83 7.67 0.11
CA ILE A 129 7.52 7.44 -0.45
C ILE A 129 6.94 8.52 -1.36
N VAL A 130 6.18 8.07 -2.35
CA VAL A 130 5.49 8.96 -3.27
C VAL A 130 4.05 8.51 -3.22
N SER A 131 3.14 9.44 -2.97
CA SER A 131 1.73 9.09 -2.91
C SER A 131 0.91 9.96 -3.85
N ALA A 132 0.00 9.33 -4.57
CA ALA A 132 -0.88 10.02 -5.50
C ALA A 132 -2.26 10.10 -4.88
N TRP A 133 -2.42 9.48 -3.72
CA TRP A 133 -3.72 9.48 -3.05
C TRP A 133 -3.98 10.70 -2.16
N ASN A 134 -4.22 11.82 -2.82
CA ASN A 134 -4.50 13.08 -2.13
C ASN A 134 -6.00 13.15 -1.89
N VAL A 135 -6.42 12.72 -0.69
CA VAL A 135 -7.81 12.70 -0.30
C VAL A 135 -8.55 14.00 -0.61
N GLY A 136 -7.91 15.13 -0.31
CA GLY A 136 -8.53 16.42 -0.54
C GLY A 136 -8.83 16.78 -1.99
N GLU A 137 -8.23 16.10 -2.95
CA GLU A 137 -8.48 16.43 -4.35
C GLU A 137 -9.06 15.30 -5.20
N LEU A 138 -9.38 14.17 -4.58
CA LEU A 138 -9.94 13.04 -5.33
C LEU A 138 -11.18 13.47 -6.11
N ASP A 139 -11.97 14.34 -5.52
CA ASP A 139 -13.19 14.81 -6.15
C ASP A 139 -12.94 15.64 -7.40
N LYS A 140 -11.74 16.15 -7.55
CA LYS A 140 -11.41 16.95 -8.73
C LYS A 140 -10.73 16.15 -9.83
N MET A 141 -10.46 14.88 -9.56
CA MET A 141 -9.80 14.00 -10.52
C MET A 141 -10.80 13.30 -11.43
N ALA A 142 -10.41 13.17 -12.70
CA ALA A 142 -11.26 12.48 -13.68
C ALA A 142 -11.42 11.02 -13.28
N LEU A 143 -10.47 10.53 -12.48
CA LEU A 143 -10.50 9.15 -12.06
C LEU A 143 -9.54 9.01 -10.88
N ALA A 144 -9.92 8.22 -9.87
CA ALA A 144 -9.05 8.04 -8.70
C ALA A 144 -7.85 7.18 -9.07
N PRO A 145 -6.66 7.53 -8.54
CA PRO A 145 -5.45 6.76 -8.84
C PRO A 145 -5.61 5.27 -8.65
N CYS A 146 -5.17 4.48 -9.63
CA CYS A 146 -5.23 3.03 -9.52
C CYS A 146 -3.92 2.63 -8.86
N HIS A 147 -2.80 3.10 -9.42
CA HIS A 147 -1.49 2.87 -8.81
C HIS A 147 -1.33 4.12 -7.94
N ALA A 148 -1.70 3.98 -6.68
CA ALA A 148 -1.72 5.10 -5.76
C ALA A 148 -0.62 5.39 -4.79
N PHE A 149 0.21 4.40 -4.50
CA PHE A 149 1.23 4.57 -3.47
C PHE A 149 2.47 3.71 -3.74
N PHE A 150 3.67 4.29 -3.71
CA PHE A 150 4.87 3.48 -3.90
C PHE A 150 6.02 3.88 -2.99
N GLN A 151 6.85 2.90 -2.66
CA GLN A 151 7.97 3.10 -1.75
C GLN A 151 9.28 2.53 -2.27
N PHE A 152 10.35 3.29 -2.13
CA PHE A 152 11.66 2.82 -2.56
C PHE A 152 12.44 2.23 -1.40
N TYR A 153 13.44 1.41 -1.72
CA TYR A 153 14.25 0.76 -0.71
C TYR A 153 15.61 0.50 -1.30
N VAL A 154 16.65 0.68 -0.49
CA VAL A 154 18.01 0.46 -0.97
C VAL A 154 18.71 -0.51 -0.04
N ALA A 155 19.41 -1.46 -0.66
CA ALA A 155 20.16 -2.47 0.07
C ALA A 155 21.20 -3.04 -0.88
N ASP A 156 22.43 -3.13 -0.41
CA ASP A 156 23.52 -3.66 -1.22
C ASP A 156 23.65 -2.96 -2.57
N GLY A 157 23.49 -1.63 -2.56
CA GLY A 157 23.64 -0.87 -3.79
C GLY A 157 22.58 -1.16 -4.83
N LYS A 158 21.46 -1.73 -4.41
CA LYS A 158 20.38 -2.03 -5.32
C LYS A 158 19.13 -1.27 -4.92
N LEU A 159 18.47 -0.68 -5.92
CA LEU A 159 17.25 0.08 -5.70
C LEU A 159 16.01 -0.75 -5.97
N SER A 160 15.16 -0.92 -4.97
CA SER A 160 13.93 -1.68 -5.12
C SER A 160 12.76 -0.74 -4.97
N CYS A 161 11.59 -1.22 -5.33
CA CYS A 161 10.40 -0.40 -5.27
C CYS A 161 9.19 -1.30 -5.10
N GLN A 162 8.27 -0.87 -4.25
CA GLN A 162 7.05 -1.62 -4.04
C GLN A 162 5.90 -0.67 -4.34
N LEU A 163 4.94 -1.15 -5.13
CA LEU A 163 3.80 -0.35 -5.52
C LEU A 163 2.51 -0.91 -4.94
N TYR A 164 1.65 -0.02 -4.44
CA TYR A 164 0.36 -0.48 -3.96
C TYR A 164 -0.69 -0.01 -4.94
N GLN A 165 -1.30 -0.96 -5.66
CA GLN A 165 -2.32 -0.62 -6.63
C GLN A 165 -3.67 -1.01 -6.05
N ARG A 166 -4.47 -0.02 -5.65
CA ARG A 166 -5.78 -0.28 -5.05
C ARG A 166 -6.78 -1.01 -5.95
N SER A 167 -6.69 -0.77 -7.26
CA SER A 167 -7.59 -1.41 -8.21
C SER A 167 -6.78 -1.85 -9.42
N CYS A 168 -6.99 -3.07 -9.88
CA CYS A 168 -6.23 -3.57 -11.00
C CYS A 168 -6.96 -4.39 -12.03
N ASP A 169 -6.98 -3.88 -13.26
CA ASP A 169 -7.59 -4.55 -14.39
C ASP A 169 -6.45 -5.46 -14.85
N VAL A 170 -6.49 -6.73 -14.43
CA VAL A 170 -5.43 -7.66 -14.79
C VAL A 170 -5.11 -7.81 -16.27
N PHE A 171 -6.14 -7.86 -17.12
CA PHE A 171 -5.91 -8.04 -18.55
C PHE A 171 -5.42 -6.77 -19.28
N LEU A 172 -6.10 -5.66 -19.05
CA LEU A 172 -5.76 -4.42 -19.74
C LEU A 172 -4.74 -3.50 -19.07
N GLY A 173 -4.86 -3.30 -17.76
CA GLY A 173 -3.94 -2.40 -17.09
C GLY A 173 -2.65 -2.91 -16.49
N LEU A 174 -2.70 -4.07 -15.83
CA LEU A 174 -1.52 -4.61 -15.17
C LEU A 174 -0.22 -4.69 -15.98
N PRO A 175 -0.25 -5.27 -17.18
CA PRO A 175 1.02 -5.32 -17.92
C PRO A 175 1.59 -3.94 -18.24
N PHE A 176 0.70 -2.97 -18.38
CA PHE A 176 1.09 -1.60 -18.67
C PHE A 176 1.76 -0.98 -17.43
N ASN A 177 1.14 -1.17 -16.27
CA ASN A 177 1.64 -0.62 -15.02
C ASN A 177 2.97 -1.23 -14.56
N ILE A 178 3.16 -2.51 -14.81
CA ILE A 178 4.39 -3.18 -14.42
C ILE A 178 5.55 -2.60 -15.20
N ALA A 179 5.39 -2.49 -16.51
CA ALA A 179 6.44 -1.94 -17.36
C ALA A 179 6.75 -0.47 -17.01
N SER A 180 5.70 0.30 -16.73
CA SER A 180 5.87 1.70 -16.39
C SER A 180 6.71 1.94 -15.14
N TYR A 181 6.41 1.23 -14.05
CA TYR A 181 7.20 1.40 -12.84
C TYR A 181 8.59 0.79 -12.95
N ALA A 182 8.71 -0.34 -13.64
CA ALA A 182 10.01 -0.96 -13.83
C ALA A 182 10.91 0.04 -14.55
N LEU A 183 10.33 0.80 -15.47
CA LEU A 183 11.08 1.80 -16.22
C LEU A 183 11.50 2.96 -15.32
N LEU A 184 10.64 3.29 -14.34
CA LEU A 184 10.95 4.36 -13.43
C LEU A 184 12.12 3.96 -12.54
N VAL A 185 12.11 2.73 -12.06
CA VAL A 185 13.17 2.23 -11.20
C VAL A 185 14.52 2.33 -11.92
N HIS A 186 14.55 1.98 -13.20
CA HIS A 186 15.78 2.06 -13.96
C HIS A 186 16.24 3.53 -14.06
N MET A 187 15.31 4.44 -14.28
CA MET A 187 15.66 5.85 -14.39
C MET A 187 16.17 6.37 -13.05
N MET A 188 15.49 5.99 -11.97
CA MET A 188 15.90 6.41 -10.65
C MET A 188 17.31 5.88 -10.39
N ALA A 189 17.46 4.56 -10.54
CA ALA A 189 18.73 3.89 -10.32
C ALA A 189 19.88 4.50 -11.11
N GLN A 190 19.62 4.92 -12.34
CA GLN A 190 20.68 5.50 -13.16
C GLN A 190 21.09 6.89 -12.66
N GLN A 191 20.13 7.64 -12.16
CA GLN A 191 20.42 8.98 -11.65
C GLN A 191 21.21 8.91 -10.34
N CYS A 192 20.88 7.92 -9.51
CA CYS A 192 21.53 7.76 -8.23
C CYS A 192 22.72 6.80 -8.21
N ASP A 193 23.14 6.36 -9.39
CA ASP A 193 24.27 5.44 -9.49
C ASP A 193 24.09 4.19 -8.67
N LEU A 194 22.90 3.63 -8.75
CA LEU A 194 22.58 2.41 -8.04
C LEU A 194 22.24 1.34 -9.06
N GLU A 195 22.23 0.10 -8.61
CA GLU A 195 21.90 -1.02 -9.46
C GLU A 195 20.39 -1.29 -9.26
N VAL A 196 19.75 -1.94 -10.23
CA VAL A 196 18.32 -2.21 -10.09
C VAL A 196 18.15 -3.44 -9.22
N GLY A 197 17.17 -3.36 -8.32
CA GLY A 197 16.87 -4.46 -7.43
C GLY A 197 15.56 -5.11 -7.82
N ASP A 198 14.63 -5.22 -6.88
CA ASP A 198 13.33 -5.83 -7.15
C ASP A 198 12.19 -4.81 -7.29
N PHE A 199 11.18 -5.19 -8.06
CA PHE A 199 9.98 -4.38 -8.18
C PHE A 199 8.90 -5.28 -7.58
N VAL A 200 8.35 -4.87 -6.45
CA VAL A 200 7.31 -5.64 -5.78
C VAL A 200 5.95 -5.03 -6.12
N TRP A 201 5.02 -5.86 -6.58
CA TRP A 201 3.70 -5.36 -6.92
C TRP A 201 2.66 -5.91 -5.93
N THR A 202 1.90 -5.02 -5.33
CA THR A 202 0.87 -5.40 -4.37
C THR A 202 -0.47 -4.83 -4.83
N GLY A 203 -1.49 -5.67 -4.88
CA GLY A 203 -2.79 -5.19 -5.32
C GLY A 203 -3.95 -5.30 -4.34
N GLY A 204 -4.91 -4.40 -4.51
CA GLY A 204 -6.09 -4.39 -3.68
C GLY A 204 -7.12 -5.20 -4.44
N ASP A 205 -8.11 -4.53 -5.02
CA ASP A 205 -9.13 -5.21 -5.81
C ASP A 205 -8.50 -5.58 -7.16
N THR A 206 -8.04 -6.82 -7.27
CA THR A 206 -7.41 -7.32 -8.48
C THR A 206 -8.49 -8.06 -9.25
N HIS A 207 -8.81 -7.57 -10.45
CA HIS A 207 -9.90 -8.19 -11.19
C HIS A 207 -9.73 -8.46 -12.67
N LEU A 208 -10.73 -9.16 -13.19
CA LEU A 208 -10.79 -9.53 -14.58
C LEU A 208 -12.23 -9.19 -14.99
N TYR A 209 -12.39 -8.33 -15.98
CA TYR A 209 -13.72 -7.96 -16.44
C TYR A 209 -14.38 -9.13 -17.17
N SER A 210 -15.67 -9.36 -16.88
CA SER A 210 -16.41 -10.47 -17.47
C SER A 210 -16.34 -10.56 -19.00
N ASN A 211 -16.15 -9.42 -19.69
CA ASN A 211 -16.07 -9.46 -21.14
C ASN A 211 -14.62 -9.59 -21.62
N HIS A 212 -13.80 -10.12 -20.74
CA HIS A 212 -12.37 -10.32 -21.04
C HIS A 212 -11.98 -11.77 -20.87
N MET A 213 -12.97 -12.60 -20.54
CA MET A 213 -12.73 -14.01 -20.31
C MET A 213 -12.17 -14.83 -21.45
N ASP A 214 -12.70 -14.67 -22.65
CA ASP A 214 -12.18 -15.44 -23.78
C ASP A 214 -10.75 -15.05 -24.07
N GLN A 215 -10.50 -13.74 -24.09
CA GLN A 215 -9.19 -13.23 -24.38
C GLN A 215 -8.21 -13.73 -23.32
N THR A 216 -8.67 -13.80 -22.08
CA THR A 216 -7.83 -14.27 -20.99
C THR A 216 -7.37 -15.70 -21.18
N HIS A 217 -8.30 -16.59 -21.48
CA HIS A 217 -7.98 -18.01 -21.69
C HIS A 217 -7.10 -18.19 -22.93
N LEU A 218 -7.28 -17.30 -23.90
CA LEU A 218 -6.49 -17.36 -25.12
C LEU A 218 -5.03 -17.07 -24.75
N GLN A 219 -4.81 -16.00 -24.01
CA GLN A 219 -3.46 -15.63 -23.59
C GLN A 219 -2.85 -16.67 -22.66
N LEU A 220 -3.67 -17.18 -21.74
CA LEU A 220 -3.25 -18.17 -20.77
C LEU A 220 -2.74 -19.47 -21.41
N SER A 221 -3.12 -19.72 -22.66
CA SER A 221 -2.71 -20.94 -23.35
C SER A 221 -1.36 -20.77 -24.03
N ARG A 222 -0.80 -19.57 -23.93
CA ARG A 222 0.48 -19.28 -24.56
C ARG A 222 1.67 -19.51 -23.64
N GLU A 223 2.80 -19.85 -24.24
CA GLU A 223 4.04 -20.10 -23.53
C GLU A 223 4.86 -18.81 -23.49
N PRO A 224 5.12 -18.30 -22.28
CA PRO A 224 5.91 -17.08 -22.17
C PRO A 224 7.28 -17.24 -22.80
N ARG A 225 7.80 -16.12 -23.30
CA ARG A 225 9.11 -16.10 -23.95
C ARG A 225 10.11 -15.36 -23.06
N PRO A 226 11.42 -15.53 -23.32
CA PRO A 226 12.45 -14.85 -22.52
C PRO A 226 12.25 -13.33 -22.44
N LEU A 227 12.44 -12.78 -21.24
CA LEU A 227 12.29 -11.35 -20.97
C LEU A 227 13.26 -10.50 -21.79
N PRO A 228 12.77 -9.37 -22.32
CA PRO A 228 13.62 -8.47 -23.12
C PRO A 228 14.62 -7.70 -22.25
N LYS A 229 15.41 -6.84 -22.88
CA LYS A 229 16.42 -6.06 -22.16
C LYS A 229 16.27 -4.57 -22.40
N LEU A 230 16.38 -3.79 -21.33
CA LEU A 230 16.26 -2.35 -21.45
C LEU A 230 17.65 -1.72 -21.54
N ILE A 231 17.86 -0.90 -22.56
CA ILE A 231 19.14 -0.22 -22.76
C ILE A 231 18.93 1.29 -22.76
N ILE A 232 19.62 2.01 -21.88
CA ILE A 232 19.48 3.47 -21.82
C ILE A 232 20.70 4.07 -22.48
N LYS A 233 20.49 4.68 -23.64
CA LYS A 233 21.57 5.25 -24.43
C LYS A 233 22.34 6.46 -23.86
N ARG A 234 21.85 7.05 -22.78
CA ARG A 234 22.56 8.18 -22.19
C ARG A 234 22.12 8.44 -20.75
N LYS A 235 22.83 9.34 -20.08
CA LYS A 235 22.50 9.71 -18.71
C LYS A 235 22.27 11.21 -18.64
N PRO A 236 20.99 11.63 -18.65
CA PRO A 236 20.60 13.05 -18.59
C PRO A 236 21.03 13.75 -17.30
N GLU A 237 21.03 15.07 -17.31
CA GLU A 237 21.42 15.87 -16.16
C GLU A 237 20.50 15.61 -14.97
N SER A 238 19.21 15.42 -15.26
CA SER A 238 18.21 15.16 -14.24
C SER A 238 17.24 14.11 -14.75
N ILE A 239 16.47 13.54 -13.83
CA ILE A 239 15.49 12.52 -14.17
C ILE A 239 14.35 13.10 -15.03
N PHE A 240 14.29 14.43 -15.11
CA PHE A 240 13.27 15.13 -15.88
C PHE A 240 13.73 15.41 -17.31
N ASP A 241 14.95 15.02 -17.63
CA ASP A 241 15.51 15.29 -18.94
C ASP A 241 15.55 14.10 -19.90
N TYR A 242 14.86 13.03 -19.56
CA TYR A 242 14.86 11.87 -20.44
C TYR A 242 13.98 12.09 -21.66
N ARG A 243 14.28 11.37 -22.72
CA ARG A 243 13.52 11.47 -23.96
C ARG A 243 13.20 10.08 -24.44
N PHE A 244 12.18 9.98 -25.28
CA PHE A 244 11.77 8.70 -25.83
C PHE A 244 12.97 7.98 -26.45
N GLU A 245 13.79 8.71 -27.21
CA GLU A 245 14.96 8.17 -27.88
C GLU A 245 16.04 7.53 -27.00
N ASP A 246 16.14 7.96 -25.75
CA ASP A 246 17.14 7.39 -24.85
C ASP A 246 16.90 5.92 -24.51
N PHE A 247 15.68 5.45 -24.73
CA PHE A 247 15.32 4.08 -24.40
C PHE A 247 15.31 3.12 -25.59
N GLU A 248 15.93 1.97 -25.38
CA GLU A 248 16.00 0.94 -26.39
C GLU A 248 15.67 -0.41 -25.75
N ILE A 249 14.75 -1.15 -26.35
CA ILE A 249 14.37 -2.46 -25.83
C ILE A 249 14.92 -3.52 -26.78
N GLU A 250 15.56 -4.56 -26.25
CA GLU A 250 16.13 -5.57 -27.10
C GLU A 250 15.69 -6.98 -26.78
N GLY A 251 15.63 -7.82 -27.81
CA GLY A 251 15.24 -9.20 -27.62
C GLY A 251 13.78 -9.37 -27.26
N TYR A 252 12.94 -8.45 -27.75
CA TYR A 252 11.52 -8.53 -27.44
C TYR A 252 10.77 -9.18 -28.60
N ASP A 253 10.44 -10.47 -28.44
CA ASP A 253 9.75 -11.25 -29.46
C ASP A 253 8.46 -11.81 -28.86
N PRO A 254 7.40 -10.98 -28.79
CA PRO A 254 6.11 -11.39 -28.22
C PRO A 254 5.17 -12.14 -29.14
N HIS A 255 4.15 -12.75 -28.54
CA HIS A 255 3.11 -13.45 -29.28
C HIS A 255 2.26 -12.34 -29.87
N PRO A 256 1.35 -12.66 -30.79
CA PRO A 256 0.51 -11.62 -31.38
C PRO A 256 -0.47 -11.00 -30.37
N GLY A 257 -0.69 -9.69 -30.52
CA GLY A 257 -1.58 -8.99 -29.61
C GLY A 257 -2.99 -9.52 -29.57
N ILE A 258 -3.70 -9.23 -28.48
CA ILE A 258 -5.08 -9.66 -28.31
C ILE A 258 -5.96 -8.45 -28.05
N LYS A 259 -6.89 -8.17 -28.97
CA LYS A 259 -7.79 -7.02 -28.82
C LYS A 259 -8.85 -7.28 -27.76
N ALA A 260 -9.21 -6.24 -27.01
CA ALA A 260 -10.24 -6.36 -25.97
C ALA A 260 -10.86 -5.00 -25.62
N PRO A 261 -12.19 -4.96 -25.39
CA PRO A 261 -12.92 -3.73 -25.06
C PRO A 261 -12.57 -3.12 -23.72
N VAL A 262 -12.33 -1.81 -23.72
CA VAL A 262 -11.98 -1.07 -22.51
C VAL A 262 -13.21 -0.68 -21.71
N ALA A 263 -13.19 -0.95 -20.42
CA ALA A 263 -14.32 -0.59 -19.55
C ALA A 263 -14.09 0.83 -19.05
N ILE A 264 -15.01 1.73 -19.41
CA ILE A 264 -14.92 3.13 -19.02
C ILE A 264 -15.82 3.40 -17.81
N MET B 1 1.97 -16.26 15.83
CA MET B 1 0.90 -17.02 15.17
C MET B 1 1.81 -17.63 14.17
N LYS B 2 1.35 -18.65 13.48
CA LYS B 2 2.17 -19.32 12.50
C LYS B 2 2.74 -18.34 11.47
N GLN B 3 1.88 -17.47 10.92
CA GLN B 3 2.35 -16.50 9.92
C GLN B 3 3.38 -15.55 10.52
N TYR B 4 3.08 -15.06 11.72
CA TYR B 4 3.97 -14.13 12.42
C TYR B 4 5.37 -14.71 12.66
N LEU B 5 5.43 -15.93 13.18
CA LEU B 5 6.72 -16.57 13.47
C LEU B 5 7.51 -16.87 12.19
N GLU B 6 6.81 -17.22 11.11
CA GLU B 6 7.50 -17.50 9.87
C GLU B 6 8.12 -16.20 9.33
N LEU B 7 7.44 -15.08 9.50
CA LEU B 7 7.94 -13.78 9.05
C LEU B 7 9.17 -13.43 9.88
N MET B 8 9.05 -13.65 11.18
CA MET B 8 10.14 -13.38 12.12
C MET B 8 11.39 -14.19 11.74
N GLN B 9 11.18 -15.46 11.41
CA GLN B 9 12.29 -16.33 11.02
C GLN B 9 12.86 -15.87 9.68
N LYS B 10 11.97 -15.40 8.79
CA LYS B 10 12.37 -14.95 7.45
C LYS B 10 13.31 -13.74 7.52
N VAL B 11 13.05 -12.84 8.46
CA VAL B 11 13.89 -11.65 8.61
C VAL B 11 15.29 -12.04 9.08
N LEU B 12 15.37 -13.09 9.89
CA LEU B 12 16.66 -13.57 10.38
C LEU B 12 17.43 -14.25 9.27
N ASP B 13 16.75 -15.06 8.46
CA ASP B 13 17.42 -15.76 7.37
C ASP B 13 17.77 -14.92 6.15
N GLU B 14 16.87 -14.02 5.76
CA GLU B 14 17.08 -13.20 4.58
C GLU B 14 17.37 -11.73 4.86
N GLY B 15 17.08 -11.29 6.08
CA GLY B 15 17.31 -9.89 6.43
C GLY B 15 18.69 -9.37 6.09
N THR B 16 18.77 -8.10 5.72
CA THR B 16 20.04 -7.49 5.38
C THR B 16 20.40 -6.50 6.48
N GLN B 17 21.69 -6.35 6.78
CA GLN B 17 22.14 -5.45 7.83
C GLN B 17 22.01 -3.99 7.42
N LYS B 18 21.13 -3.26 8.10
CA LYS B 18 20.93 -1.85 7.79
C LYS B 18 21.14 -0.93 8.99
N ASN B 19 21.58 0.29 8.71
CA ASN B 19 21.82 1.28 9.75
C ASN B 19 20.60 2.20 9.71
N ASP B 20 19.87 2.31 10.81
CA ASP B 20 18.68 3.14 10.82
C ASP B 20 18.78 4.49 11.51
N ARG B 21 17.68 5.23 11.41
CA ARG B 21 17.51 6.56 11.97
C ARG B 21 17.96 6.64 13.43
N THR B 22 17.64 5.62 14.21
CA THR B 22 17.98 5.58 15.63
C THR B 22 19.43 5.23 15.91
N GLY B 23 20.12 4.69 14.91
CA GLY B 23 21.52 4.33 15.09
C GLY B 23 21.71 3.00 15.77
N THR B 24 20.60 2.31 16.03
CA THR B 24 20.63 1.00 16.68
C THR B 24 21.02 -0.12 15.73
N GLY B 25 20.60 0.00 14.47
CA GLY B 25 20.89 -1.03 13.49
C GLY B 25 19.74 -2.03 13.45
N THR B 26 19.47 -2.57 12.27
CA THR B 26 18.40 -3.54 12.12
C THR B 26 18.73 -4.58 11.07
N LEU B 27 17.88 -5.59 11.00
CA LEU B 27 17.98 -6.64 10.01
C LEU B 27 16.64 -6.43 9.30
N SER B 28 16.66 -6.20 8.00
CA SER B 28 15.40 -5.98 7.32
C SER B 28 15.25 -6.59 5.94
N ILE B 29 14.01 -6.77 5.55
CA ILE B 29 13.67 -7.26 4.23
C ILE B 29 12.68 -6.22 3.73
N PHE B 30 12.47 -6.19 2.42
CA PHE B 30 11.54 -5.24 1.82
C PHE B 30 10.45 -5.95 1.04
N GLY B 31 9.20 -5.73 1.44
CA GLY B 31 8.09 -6.36 0.74
C GLY B 31 7.72 -7.72 1.29
N HIS B 32 6.52 -7.81 1.86
CA HIS B 32 6.03 -9.04 2.45
C HIS B 32 4.53 -8.94 2.68
N GLN B 33 3.83 -10.06 2.56
CA GLN B 33 2.39 -10.08 2.74
C GLN B 33 1.88 -11.31 3.44
N MET B 34 0.97 -11.12 4.38
CA MET B 34 0.36 -12.24 5.06
C MET B 34 -1.14 -12.00 5.25
N ARG B 35 -1.90 -13.08 5.16
CA ARG B 35 -3.35 -13.02 5.26
C ARG B 35 -3.85 -13.66 6.53
N PHE B 36 -4.92 -13.11 7.06
CA PHE B 36 -5.53 -13.61 8.30
C PHE B 36 -7.03 -13.73 8.10
N ASN B 37 -7.52 -14.96 8.06
CA ASN B 37 -8.95 -15.19 7.91
C ASN B 37 -9.49 -14.91 9.30
N LEU B 38 -10.28 -13.86 9.46
CA LEU B 38 -10.79 -13.53 10.79
C LEU B 38 -11.86 -14.48 11.30
N GLN B 39 -12.29 -15.41 10.45
CA GLN B 39 -13.29 -16.39 10.84
C GLN B 39 -12.65 -17.43 11.76
N ASP B 40 -11.36 -17.69 11.53
CA ASP B 40 -10.61 -18.65 12.32
C ASP B 40 -10.30 -18.18 13.73
N GLY B 41 -10.49 -16.89 13.99
CA GLY B 41 -10.21 -16.35 15.31
C GLY B 41 -9.50 -15.01 15.30
N PHE B 42 -9.45 -14.34 16.44
CA PHE B 42 -8.78 -13.05 16.54
C PHE B 42 -7.27 -13.23 16.50
N PRO B 43 -6.58 -12.56 15.57
CA PRO B 43 -5.12 -12.65 15.40
C PRO B 43 -4.32 -11.91 16.47
N LEU B 44 -4.35 -12.42 17.70
CA LEU B 44 -3.62 -11.83 18.81
C LEU B 44 -2.58 -12.87 19.18
N VAL B 45 -1.29 -12.49 19.13
CA VAL B 45 -0.24 -13.46 19.43
C VAL B 45 -0.38 -14.22 20.73
N THR B 46 0.06 -15.46 20.69
CA THR B 46 0.01 -16.32 21.85
C THR B 46 1.39 -16.69 22.33
N THR B 47 2.38 -16.51 21.48
CA THR B 47 3.74 -16.81 21.88
C THR B 47 4.30 -15.67 22.71
N GLN B 48 3.47 -14.65 22.91
CA GLN B 48 3.84 -13.51 23.70
C GLN B 48 2.57 -12.90 24.24
N ARG B 49 2.61 -12.44 25.48
CA ARG B 49 1.43 -11.85 26.05
C ARG B 49 1.28 -10.40 25.67
N CYS B 50 0.12 -10.07 25.13
CA CYS B 50 -0.13 -8.70 24.73
C CYS B 50 -1.18 -7.99 25.56
N HIS B 51 -0.88 -6.73 25.87
CA HIS B 51 -1.74 -5.88 26.67
C HIS B 51 -2.85 -5.41 25.76
N LEU B 52 -4.01 -6.01 25.92
CA LEU B 52 -5.17 -5.67 25.10
C LEU B 52 -5.75 -4.31 25.44
N ARG B 53 -5.46 -3.85 26.64
CA ARG B 53 -5.98 -2.57 27.08
C ARG B 53 -5.38 -1.42 26.28
N SER B 54 -4.09 -1.52 25.99
CA SER B 54 -3.42 -0.47 25.26
C SER B 54 -3.87 -0.42 23.80
N ILE B 55 -4.14 -1.59 23.23
CA ILE B 55 -4.57 -1.65 21.84
C ILE B 55 -5.96 -1.10 21.64
N ILE B 56 -6.88 -1.47 22.50
CA ILE B 56 -8.24 -0.98 22.36
C ILE B 56 -8.39 0.52 22.57
N HIS B 57 -7.67 1.07 23.54
CA HIS B 57 -7.77 2.50 23.78
C HIS B 57 -7.13 3.39 22.74
N GLU B 58 -6.08 2.88 22.11
CA GLU B 58 -5.40 3.66 21.10
C GLU B 58 -6.26 3.78 19.86
N LEU B 59 -6.98 2.71 19.56
CA LEU B 59 -7.87 2.68 18.41
C LEU B 59 -9.09 3.58 18.62
N LEU B 60 -9.61 3.57 19.84
CA LEU B 60 -10.76 4.41 20.18
C LEU B 60 -10.31 5.85 20.18
N TRP B 61 -9.03 6.03 20.48
CA TRP B 61 -8.41 7.32 20.52
C TRP B 61 -8.32 7.84 19.09
N PHE B 62 -7.82 6.98 18.20
CA PHE B 62 -7.72 7.32 16.78
C PHE B 62 -9.08 7.76 16.24
N LEU B 63 -10.09 6.91 16.43
CA LEU B 63 -11.43 7.19 15.94
C LEU B 63 -12.02 8.50 16.43
N GLN B 64 -11.51 9.02 17.54
CA GLN B 64 -12.01 10.29 18.07
C GLN B 64 -11.41 11.47 17.34
N GLY B 65 -10.27 11.24 16.69
CA GLY B 65 -9.60 12.30 15.95
C GLY B 65 -8.74 13.10 16.90
N ASP B 66 -8.37 12.46 18.00
CA ASP B 66 -7.56 13.09 19.02
C ASP B 66 -6.09 12.80 18.77
N THR B 67 -5.26 13.79 19.08
CA THR B 67 -3.82 13.67 18.89
C THR B 67 -3.08 14.13 20.14
N ASN B 68 -3.82 14.18 21.24
CA ASN B 68 -3.24 14.57 22.51
C ASN B 68 -3.29 13.35 23.39
N ILE B 69 -2.21 13.04 24.08
CA ILE B 69 -2.18 11.88 24.94
C ILE B 69 -2.98 11.95 26.25
N ALA B 70 -3.59 13.09 26.52
CA ALA B 70 -4.36 13.25 27.75
C ALA B 70 -5.31 12.11 27.97
N TYR B 71 -6.01 11.74 26.90
CA TYR B 71 -6.96 10.66 26.96
C TYR B 71 -6.37 9.29 27.28
N LEU B 72 -5.17 9.04 26.76
CA LEU B 72 -4.50 7.77 27.01
C LEU B 72 -4.01 7.71 28.45
N HIS B 73 -3.70 8.88 29.00
CA HIS B 73 -3.22 8.96 30.38
C HIS B 73 -4.32 8.65 31.36
N GLU B 74 -5.51 9.14 31.05
CA GLU B 74 -6.64 8.89 31.91
C GLU B 74 -6.99 7.42 31.93
N ASN B 75 -6.42 6.68 30.99
CA ASN B 75 -6.69 5.25 30.93
C ASN B 75 -5.42 4.44 31.12
N ASN B 76 -4.39 5.12 31.61
CA ASN B 76 -3.14 4.48 31.87
C ASN B 76 -2.43 3.87 30.69
N VAL B 77 -2.42 4.56 29.56
CA VAL B 77 -1.70 4.05 28.41
C VAL B 77 -0.59 5.02 28.13
N THR B 78 0.63 4.53 28.26
CA THR B 78 1.81 5.36 28.07
C THR B 78 2.62 4.99 26.84
N ILE B 79 1.96 4.50 25.81
CA ILE B 79 2.67 4.10 24.61
C ILE B 79 3.12 5.20 23.69
N TRP B 80 2.56 6.38 23.86
CA TRP B 80 2.90 7.54 23.03
C TRP B 80 3.54 8.65 23.82
N ASP B 81 4.04 8.29 24.98
CA ASP B 81 4.65 9.28 25.86
C ASP B 81 5.94 9.91 25.40
N GLU B 82 6.80 9.11 24.77
CA GLU B 82 8.10 9.58 24.28
C GLU B 82 8.10 10.61 23.19
N TRP B 83 7.09 10.54 22.32
CA TRP B 83 7.02 11.47 21.21
C TRP B 83 6.19 12.72 21.41
N ALA B 84 5.41 12.75 22.48
CA ALA B 84 4.60 13.92 22.75
C ALA B 84 5.41 15.05 23.35
N ASP B 85 5.02 16.27 23.04
CA ASP B 85 5.72 17.42 23.57
C ASP B 85 5.24 17.71 25.00
N GLU B 86 5.60 18.88 25.50
CA GLU B 86 5.25 19.29 26.86
C GLU B 86 3.75 19.31 27.11
N ASN B 87 2.99 19.58 26.07
CA ASN B 87 1.54 19.66 26.21
C ASN B 87 0.84 18.35 25.92
N GLY B 88 1.61 17.36 25.48
CA GLY B 88 1.01 16.08 25.18
C GLY B 88 0.50 15.98 23.76
N ASP B 89 0.93 16.92 22.91
CA ASP B 89 0.52 16.93 21.50
C ASP B 89 1.52 16.18 20.62
N LEU B 90 1.00 15.53 19.58
CA LEU B 90 1.83 14.76 18.67
C LEU B 90 1.83 15.34 17.25
N GLY B 91 0.95 16.30 17.01
CA GLY B 91 0.85 16.89 15.70
C GLY B 91 -0.32 16.22 14.99
N PRO B 92 -0.57 16.52 13.71
CA PRO B 92 -1.69 15.89 13.00
C PRO B 92 -1.43 14.44 12.56
N VAL B 93 -1.25 13.56 13.53
CA VAL B 93 -1.01 12.15 13.29
C VAL B 93 -2.31 11.36 13.11
N TYR B 94 -2.17 10.06 12.83
CA TYR B 94 -3.29 9.14 12.61
C TYR B 94 -4.72 9.66 12.75
N GLY B 95 -5.16 9.84 13.99
CA GLY B 95 -6.52 10.28 14.23
C GLY B 95 -6.95 11.53 13.47
N LYS B 96 -6.07 12.52 13.45
CA LYS B 96 -6.37 13.78 12.78
C LYS B 96 -6.67 13.58 11.28
N GLN B 97 -5.84 12.79 10.62
CA GLN B 97 -6.02 12.51 9.19
C GLN B 97 -7.24 11.63 8.93
N TRP B 98 -7.52 10.68 9.82
CA TRP B 98 -8.67 9.78 9.67
C TRP B 98 -9.98 10.54 9.77
N ARG B 99 -10.08 11.39 10.78
CA ARG B 99 -11.30 12.14 11.03
C ARG B 99 -11.39 13.54 10.41
N ALA B 100 -10.27 14.14 10.06
CA ALA B 100 -10.34 15.47 9.48
C ALA B 100 -9.16 15.86 8.61
N TRP B 101 -9.07 15.19 7.45
CA TRP B 101 -8.00 15.48 6.52
C TRP B 101 -8.24 16.90 6.01
N PRO B 102 -7.29 17.80 6.27
CA PRO B 102 -7.42 19.21 5.83
C PRO B 102 -7.14 19.40 4.34
N THR B 103 -8.10 20.00 3.63
CA THR B 103 -7.94 20.25 2.21
C THR B 103 -7.38 21.66 2.01
N PRO B 104 -6.74 21.91 0.85
CA PRO B 104 -6.18 23.24 0.59
C PRO B 104 -7.21 24.36 0.57
N ASP B 105 -8.44 24.05 0.19
CA ASP B 105 -9.48 25.09 0.14
C ASP B 105 -10.23 25.29 1.45
N GLY B 106 -9.55 25.06 2.58
CA GLY B 106 -10.16 25.28 3.88
C GLY B 106 -11.12 24.25 4.49
N ARG B 107 -11.50 23.23 3.73
CA ARG B 107 -12.43 22.22 4.23
C ARG B 107 -11.73 21.07 4.99
N HIS B 108 -12.52 20.15 5.51
CA HIS B 108 -11.99 19.00 6.23
C HIS B 108 -12.77 17.75 5.83
N ILE B 109 -12.05 16.68 5.49
CA ILE B 109 -12.68 15.43 5.08
C ILE B 109 -12.60 14.31 6.12
N ASP B 110 -13.77 13.81 6.50
CA ASP B 110 -13.88 12.73 7.48
C ASP B 110 -13.83 11.41 6.70
N GLN B 111 -12.66 10.80 6.64
CA GLN B 111 -12.49 9.55 5.90
C GLN B 111 -13.26 8.36 6.48
N ILE B 112 -13.33 8.28 7.81
CA ILE B 112 -14.04 7.16 8.42
C ILE B 112 -15.52 7.22 8.07
N THR B 113 -16.09 8.41 8.15
CA THR B 113 -17.50 8.54 7.83
C THR B 113 -17.76 8.21 6.36
N THR B 114 -16.93 8.72 5.45
CA THR B 114 -17.17 8.43 4.05
C THR B 114 -17.07 6.92 3.84
N VAL B 115 -16.13 6.28 4.53
CA VAL B 115 -15.95 4.84 4.39
C VAL B 115 -17.18 4.06 4.84
N LEU B 116 -17.79 4.48 5.96
CA LEU B 116 -19.00 3.82 6.43
C LEU B 116 -20.10 3.98 5.42
N ASN B 117 -20.20 5.18 4.86
CA ASN B 117 -21.20 5.47 3.85
C ASN B 117 -20.96 4.66 2.59
N GLN B 118 -19.70 4.48 2.23
CA GLN B 118 -19.38 3.69 1.03
C GLN B 118 -19.75 2.23 1.28
N LEU B 119 -19.42 1.73 2.47
CA LEU B 119 -19.73 0.35 2.78
C LEU B 119 -21.22 0.07 2.75
N LYS B 120 -22.02 1.03 3.19
CA LYS B 120 -23.46 0.85 3.22
C LYS B 120 -24.18 1.11 1.90
N ASN B 121 -23.70 2.10 1.14
CA ASN B 121 -24.34 2.44 -0.13
C ASN B 121 -23.66 1.92 -1.37
N ASP B 122 -22.36 1.73 -1.31
CA ASP B 122 -21.64 1.26 -2.49
C ASP B 122 -20.50 0.32 -2.09
N PRO B 123 -20.84 -0.85 -1.54
CA PRO B 123 -19.84 -1.84 -1.11
C PRO B 123 -18.93 -2.40 -2.20
N ASP B 124 -19.38 -2.37 -3.44
CA ASP B 124 -18.56 -2.89 -4.54
C ASP B 124 -17.46 -1.91 -4.94
N SER B 125 -17.52 -0.70 -4.40
CA SER B 125 -16.55 0.33 -4.69
C SER B 125 -15.12 -0.17 -4.50
N ARG B 126 -14.24 0.28 -5.38
CA ARG B 126 -12.84 -0.10 -5.30
C ARG B 126 -12.03 1.06 -4.75
N ARG B 127 -12.74 2.07 -4.24
CA ARG B 127 -12.12 3.27 -3.69
C ARG B 127 -12.44 3.45 -2.21
N ILE B 128 -12.66 2.35 -1.50
CA ILE B 128 -12.96 2.45 -0.08
C ILE B 128 -11.64 2.46 0.68
N ILE B 129 -11.01 3.63 0.71
CA ILE B 129 -9.71 3.81 1.33
C ILE B 129 -9.62 4.88 2.41
N VAL B 130 -8.69 4.67 3.33
CA VAL B 130 -8.41 5.62 4.40
C VAL B 130 -6.90 5.77 4.38
N SER B 131 -6.42 7.00 4.24
CA SER B 131 -4.99 7.25 4.19
C SER B 131 -4.52 8.18 5.30
N ALA B 132 -3.41 7.83 5.93
CA ALA B 132 -2.87 8.67 6.97
C ALA B 132 -1.67 9.40 6.41
N TRP B 133 -1.29 9.05 5.18
CA TRP B 133 -0.13 9.67 4.54
C TRP B 133 -0.43 11.00 3.87
N ASN B 134 -0.54 12.05 4.67
CA ASN B 134 -0.80 13.39 4.19
C ASN B 134 0.53 14.12 4.02
N VAL B 135 1.04 14.08 2.80
CA VAL B 135 2.32 14.70 2.44
C VAL B 135 2.47 16.14 2.93
N GLY B 136 1.40 16.92 2.86
CA GLY B 136 1.45 18.30 3.30
C GLY B 136 1.61 18.53 4.79
N GLU B 137 1.46 17.49 5.59
CA GLU B 137 1.57 17.64 7.04
C GLU B 137 2.54 16.71 7.71
N LEU B 138 3.30 15.94 6.93
CA LEU B 138 4.27 15.01 7.49
C LEU B 138 5.27 15.74 8.36
N ASP B 139 5.65 16.94 7.93
CA ASP B 139 6.62 17.74 8.66
C ASP B 139 6.12 18.18 10.03
N LYS B 140 4.81 18.24 10.20
CA LYS B 140 4.24 18.65 11.49
C LYS B 140 3.93 17.49 12.43
N MET B 141 4.17 16.27 11.96
CA MET B 141 3.91 15.07 12.76
C MET B 141 5.11 14.72 13.63
N ALA B 142 4.85 14.25 14.85
CA ALA B 142 5.92 13.86 15.76
C ALA B 142 6.64 12.66 15.19
N LEU B 143 5.99 11.98 14.27
CA LEU B 143 6.54 10.78 13.65
C LEU B 143 5.64 10.44 12.45
N ALA B 144 6.26 10.03 11.33
CA ALA B 144 5.48 9.69 10.15
C ALA B 144 4.74 8.37 10.35
N PRO B 145 3.49 8.28 9.86
CA PRO B 145 2.69 7.06 10.00
C PRO B 145 3.39 5.77 9.57
N CYS B 146 3.38 4.75 10.44
CA CYS B 146 3.95 3.47 10.08
C CYS B 146 2.90 2.70 9.34
N HIS B 147 1.72 2.60 9.94
CA HIS B 147 0.61 1.97 9.24
C HIS B 147 -0.03 3.20 8.61
N ALA B 148 0.24 3.37 7.32
CA ALA B 148 -0.17 4.55 6.58
C ALA B 148 -1.33 4.51 5.61
N PHE B 149 -1.72 3.32 5.18
CA PHE B 149 -2.74 3.25 4.16
C PHE B 149 -3.52 1.95 4.27
N PHE B 150 -4.85 2.03 4.22
CA PHE B 150 -5.65 0.81 4.25
C PHE B 150 -6.91 0.86 3.39
N GLN B 151 -7.30 -0.30 2.91
CA GLN B 151 -8.45 -0.40 2.03
C GLN B 151 -9.42 -1.50 2.44
N PHE B 152 -10.71 -1.22 2.29
CA PHE B 152 -11.75 -2.19 2.61
C PHE B 152 -12.30 -2.79 1.34
N TYR B 153 -12.79 -4.01 1.45
CA TYR B 153 -13.30 -4.76 0.30
C TYR B 153 -14.48 -5.60 0.77
N VAL B 154 -15.53 -5.66 -0.03
CA VAL B 154 -16.70 -6.46 0.33
C VAL B 154 -17.00 -7.50 -0.76
N ALA B 155 -17.27 -8.73 -0.33
CA ALA B 155 -17.58 -9.83 -1.24
C ALA B 155 -18.30 -10.91 -0.44
N ASP B 156 -19.42 -11.38 -0.97
CA ASP B 156 -20.23 -12.40 -0.31
C ASP B 156 -20.58 -12.00 1.12
N GLY B 157 -20.95 -10.74 1.32
CA GLY B 157 -21.30 -10.27 2.64
C GLY B 157 -20.20 -10.27 3.68
N LYS B 158 -18.95 -10.41 3.22
CA LYS B 158 -17.79 -10.42 4.11
C LYS B 158 -16.96 -9.16 3.92
N LEU B 159 -16.55 -8.54 5.03
CA LEU B 159 -15.73 -7.33 4.98
C LEU B 159 -14.25 -7.67 5.15
N SER B 160 -13.45 -7.33 4.14
CA SER B 160 -12.01 -7.58 4.20
C SER B 160 -11.29 -6.25 4.29
N CYS B 161 -10.02 -6.27 4.67
CA CYS B 161 -9.24 -5.05 4.79
C CYS B 161 -7.76 -5.33 4.59
N GLN B 162 -7.10 -4.50 3.80
CA GLN B 162 -5.67 -4.67 3.57
C GLN B 162 -4.94 -3.42 4.06
N LEU B 163 -3.88 -3.64 4.82
CA LEU B 163 -3.08 -2.55 5.36
C LEU B 163 -1.68 -2.48 4.77
N TYR B 164 -1.27 -1.29 4.39
CA TYR B 164 0.06 -1.09 3.87
C TYR B 164 0.85 -0.37 4.95
N GLN B 165 1.81 -1.09 5.54
CA GLN B 165 2.65 -0.54 6.58
C GLN B 165 4.04 -0.33 5.97
N ARG B 166 4.41 0.93 5.79
CA ARG B 166 5.69 1.31 5.20
C ARG B 166 6.89 0.88 6.05
N SER B 167 6.75 0.96 7.36
CA SER B 167 7.82 0.61 8.27
C SER B 167 7.27 -0.28 9.39
N CYS B 168 7.98 -1.36 9.69
CA CYS B 168 7.48 -2.28 10.70
C CYS B 168 8.50 -2.92 11.63
N ASP B 169 8.33 -2.64 12.92
CA ASP B 169 9.18 -3.22 13.96
C ASP B 169 8.50 -4.56 14.22
N VAL B 170 9.06 -5.63 13.66
CA VAL B 170 8.46 -6.96 13.81
C VAL B 170 8.21 -7.42 15.23
N PHE B 171 9.19 -7.24 16.12
CA PHE B 171 9.03 -7.69 17.48
C PHE B 171 8.14 -6.84 18.37
N LEU B 172 8.31 -5.53 18.33
CA LEU B 172 7.51 -4.65 19.17
C LEU B 172 6.21 -4.15 18.58
N GLY B 173 6.23 -3.64 17.34
CA GLY B 173 5.03 -3.10 16.75
C GLY B 173 4.05 -3.98 15.99
N LEU B 174 4.55 -4.92 15.19
CA LEU B 174 3.67 -5.76 14.40
C LEU B 174 2.48 -6.42 15.11
N PRO B 175 2.73 -7.20 16.18
CA PRO B 175 1.60 -7.83 16.87
C PRO B 175 0.58 -6.84 17.44
N PHE B 176 1.01 -5.60 17.65
CA PHE B 176 0.15 -4.54 18.18
C PHE B 176 -0.74 -4.04 17.04
N ASN B 177 -0.14 -3.86 15.88
CA ASN B 177 -0.82 -3.37 14.68
C ASN B 177 -1.84 -4.33 14.10
N ILE B 178 -1.51 -5.62 14.09
CA ILE B 178 -2.41 -6.63 13.57
C ILE B 178 -3.69 -6.66 14.38
N ALA B 179 -3.55 -6.75 15.70
CA ALA B 179 -4.72 -6.77 16.58
C ALA B 179 -5.55 -5.51 16.44
N SER B 180 -4.88 -4.37 16.29
CA SER B 180 -5.54 -3.08 16.18
C SER B 180 -6.46 -3.03 14.97
N TYR B 181 -5.95 -3.40 13.79
CA TYR B 181 -6.77 -3.36 12.59
C TYR B 181 -7.80 -4.46 12.55
N ALA B 182 -7.47 -5.63 13.10
CA ALA B 182 -8.42 -6.74 13.14
C ALA B 182 -9.64 -6.28 13.93
N LEU B 183 -9.38 -5.54 15.00
CA LEU B 183 -10.44 -5.04 15.86
C LEU B 183 -11.33 -4.06 15.09
N LEU B 184 -10.70 -3.19 14.31
CA LEU B 184 -11.44 -2.20 13.53
C LEU B 184 -12.37 -2.89 12.55
N VAL B 185 -11.85 -3.89 11.86
CA VAL B 185 -12.64 -4.64 10.88
C VAL B 185 -13.91 -5.18 11.53
N HIS B 186 -13.78 -5.66 12.78
CA HIS B 186 -14.93 -6.20 13.51
C HIS B 186 -15.93 -5.08 13.84
N MET B 187 -15.42 -3.93 14.25
CA MET B 187 -16.29 -2.81 14.57
C MET B 187 -17.02 -2.36 13.31
N MET B 188 -16.27 -2.23 12.20
CA MET B 188 -16.85 -1.82 10.93
C MET B 188 -17.91 -2.80 10.47
N ALA B 189 -17.55 -4.09 10.51
CA ALA B 189 -18.46 -5.15 10.10
C ALA B 189 -19.74 -5.17 10.91
N GLN B 190 -19.66 -4.84 12.18
CA GLN B 190 -20.84 -4.82 13.03
C GLN B 190 -21.79 -3.67 12.68
N GLN B 191 -21.22 -2.48 12.44
CA GLN B 191 -22.00 -1.30 12.10
C GLN B 191 -22.61 -1.36 10.69
N CYS B 192 -22.08 -2.22 9.83
CA CYS B 192 -22.59 -2.34 8.48
C CYS B 192 -23.26 -3.67 8.24
N ASP B 193 -23.54 -4.39 9.31
CA ASP B 193 -24.20 -5.68 9.22
C ASP B 193 -23.56 -6.61 8.20
N LEU B 194 -22.24 -6.75 8.30
CA LEU B 194 -21.48 -7.62 7.41
C LEU B 194 -20.74 -8.63 8.26
N GLU B 195 -20.29 -9.71 7.63
CA GLU B 195 -19.53 -10.74 8.31
C GLU B 195 -18.05 -10.35 8.14
N VAL B 196 -17.18 -10.78 9.04
CA VAL B 196 -15.76 -10.45 8.92
C VAL B 196 -15.09 -11.34 7.88
N GLY B 197 -14.21 -10.76 7.07
CA GLY B 197 -13.52 -11.54 6.05
C GLY B 197 -12.05 -11.70 6.36
N ASP B 198 -11.18 -11.30 5.44
CA ASP B 198 -9.74 -11.42 5.66
C ASP B 198 -9.09 -10.10 6.01
N PHE B 199 -7.99 -10.19 6.76
CA PHE B 199 -7.20 -9.01 7.07
C PHE B 199 -5.87 -9.26 6.38
N VAL B 200 -5.59 -8.52 5.31
CA VAL B 200 -4.35 -8.68 4.59
C VAL B 200 -3.34 -7.64 5.05
N TRP B 201 -2.17 -8.09 5.49
CA TRP B 201 -1.12 -7.19 5.96
C TRP B 201 0.01 -7.15 4.96
N THR B 202 0.36 -5.94 4.51
CA THR B 202 1.45 -5.78 3.56
C THR B 202 2.46 -4.82 4.15
N GLY B 203 3.74 -5.21 4.16
CA GLY B 203 4.73 -4.34 4.75
C GLY B 203 5.78 -3.83 3.79
N GLY B 204 6.36 -2.70 4.14
CA GLY B 204 7.42 -2.11 3.35
C GLY B 204 8.72 -2.56 3.99
N ASP B 205 9.36 -1.65 4.74
CA ASP B 205 10.59 -1.97 5.43
C ASP B 205 10.22 -2.74 6.69
N THR B 206 10.34 -4.07 6.61
CA THR B 206 10.03 -4.97 7.71
C THR B 206 11.33 -5.34 8.38
N HIS B 207 11.47 -4.93 9.63
CA HIS B 207 12.72 -5.15 10.33
C HIS B 207 12.66 -5.67 11.74
N LEU B 208 13.85 -6.06 12.21
CA LEU B 208 14.06 -6.58 13.55
C LEU B 208 15.30 -5.85 14.07
N TYR B 209 15.12 -5.05 15.12
CA TYR B 209 16.23 -4.30 15.70
C TYR B 209 17.31 -5.22 16.30
N SER B 210 18.57 -4.87 16.07
CA SER B 210 19.69 -5.67 16.54
C SER B 210 19.70 -5.99 18.03
N ASN B 211 19.06 -5.17 18.84
CA ASN B 211 19.02 -5.43 20.28
C ASN B 211 17.72 -6.14 20.70
N HIS B 212 17.19 -6.94 19.79
CA HIS B 212 15.96 -7.70 20.04
C HIS B 212 16.24 -9.15 19.63
N MET B 213 17.48 -9.42 19.24
CA MET B 213 17.88 -10.76 18.80
C MET B 213 17.57 -11.87 19.79
N ASP B 214 18.04 -11.71 21.02
CA ASP B 214 17.81 -12.72 22.06
C ASP B 214 16.33 -12.96 22.30
N GLN B 215 15.56 -11.89 22.42
CA GLN B 215 14.13 -12.00 22.66
C GLN B 215 13.43 -12.70 21.50
N THR B 216 13.90 -12.42 20.28
CA THR B 216 13.32 -13.02 19.09
C THR B 216 13.53 -14.53 19.12
N HIS B 217 14.79 -14.94 19.30
CA HIS B 217 15.11 -16.37 19.36
C HIS B 217 14.32 -17.05 20.47
N LEU B 218 14.08 -16.31 21.54
CA LEU B 218 13.32 -16.85 22.66
C LEU B 218 11.87 -17.11 22.26
N GLN B 219 11.27 -16.15 21.57
CA GLN B 219 9.88 -16.28 21.14
C GLN B 219 9.73 -17.30 20.03
N LEU B 220 10.76 -17.41 19.19
CA LEU B 220 10.76 -18.33 18.06
C LEU B 220 10.75 -19.80 18.48
N SER B 221 11.20 -20.09 19.70
CA SER B 221 11.24 -21.46 20.20
C SER B 221 9.93 -21.88 20.87
N ARG B 222 8.96 -20.98 20.93
CA ARG B 222 7.69 -21.28 21.57
C ARG B 222 6.66 -21.78 20.57
N GLU B 223 5.79 -22.68 21.04
CA GLU B 223 4.74 -23.24 20.19
C GLU B 223 3.49 -22.40 20.28
N PRO B 224 3.01 -21.90 19.14
CA PRO B 224 1.79 -21.07 19.12
C PRO B 224 0.55 -21.81 19.61
N ARG B 225 -0.34 -21.09 20.27
CA ARG B 225 -1.56 -21.67 20.81
C ARG B 225 -2.81 -21.23 20.05
N PRO B 226 -3.90 -21.99 20.16
CA PRO B 226 -5.14 -21.62 19.45
C PRO B 226 -5.50 -20.14 19.63
N LEU B 227 -6.00 -19.53 18.56
CA LEU B 227 -6.40 -18.13 18.55
C LEU B 227 -7.62 -17.88 19.41
N PRO B 228 -7.66 -16.72 20.08
CA PRO B 228 -8.78 -16.35 20.95
C PRO B 228 -10.03 -15.98 20.15
N LYS B 229 -11.05 -15.45 20.84
CA LYS B 229 -12.27 -15.03 20.18
C LYS B 229 -12.65 -13.66 20.67
N LEU B 230 -13.12 -12.84 19.75
CA LEU B 230 -13.50 -11.48 20.07
C LEU B 230 -15.02 -11.42 20.25
N ILE B 231 -15.46 -10.94 21.40
CA ILE B 231 -16.88 -10.82 21.69
C ILE B 231 -17.23 -9.35 21.89
N ILE B 232 -18.24 -8.88 21.18
CA ILE B 232 -18.67 -7.50 21.34
C ILE B 232 -20.03 -7.50 22.03
N LYS B 233 -20.02 -7.11 23.30
CA LYS B 233 -21.21 -7.10 24.13
C LYS B 233 -22.39 -6.24 23.71
N ARG B 234 -22.19 -5.25 22.85
CA ARG B 234 -23.32 -4.45 22.42
C ARG B 234 -23.09 -3.77 21.07
N LYS B 235 -24.16 -3.22 20.49
CA LYS B 235 -24.05 -2.54 19.22
C LYS B 235 -24.42 -1.08 19.41
N PRO B 236 -23.42 -0.18 19.41
CA PRO B 236 -23.60 1.27 19.58
C PRO B 236 -24.31 1.92 18.39
N GLU B 237 -24.79 3.14 18.60
CA GLU B 237 -25.50 3.87 17.57
C GLU B 237 -24.59 4.15 16.38
N SER B 238 -23.30 4.39 16.67
CA SER B 238 -22.32 4.69 15.64
C SER B 238 -21.01 4.01 15.98
N ILE B 239 -20.06 4.07 15.06
CA ILE B 239 -18.76 3.44 15.27
C ILE B 239 -17.90 4.31 16.18
N PHE B 240 -18.42 5.48 16.54
CA PHE B 240 -17.68 6.39 17.42
C PHE B 240 -18.13 6.26 18.86
N ASP B 241 -19.16 5.44 19.11
CA ASP B 241 -19.71 5.26 20.44
C ASP B 241 -19.25 4.00 21.19
N TYR B 242 -18.24 3.31 20.68
CA TYR B 242 -17.76 2.11 21.36
C TYR B 242 -17.00 2.51 22.62
N ARG B 243 -16.85 1.55 23.53
CA ARG B 243 -16.12 1.77 24.77
C ARG B 243 -15.29 0.53 25.07
N PHE B 244 -14.36 0.67 26.00
CA PHE B 244 -13.49 -0.43 26.41
C PHE B 244 -14.27 -1.65 26.91
N GLU B 245 -15.32 -1.39 27.68
CA GLU B 245 -16.14 -2.46 28.24
C GLU B 245 -16.89 -3.28 27.19
N ASP B 246 -17.12 -2.70 26.02
CA ASP B 246 -17.85 -3.40 24.97
C ASP B 246 -17.11 -4.59 24.39
N PHE B 247 -15.80 -4.66 24.60
CA PHE B 247 -15.00 -5.77 24.06
C PHE B 247 -14.61 -6.81 25.09
N GLU B 248 -14.72 -8.07 24.68
CA GLU B 248 -14.37 -9.19 25.53
C GLU B 248 -13.58 -10.19 24.71
N ILE B 249 -12.47 -10.68 25.25
CA ILE B 249 -11.63 -11.66 24.55
C ILE B 249 -11.71 -12.99 25.29
N GLU B 250 -11.99 -14.06 24.56
CA GLU B 250 -12.11 -15.38 25.20
C GLU B 250 -11.15 -16.41 24.66
N GLY B 251 -10.70 -17.30 25.54
CA GLY B 251 -9.80 -18.35 25.12
C GLY B 251 -8.39 -17.88 24.84
N TYR B 252 -7.97 -16.79 25.47
CA TYR B 252 -6.62 -16.27 25.27
C TYR B 252 -5.68 -16.78 26.35
N ASP B 253 -4.90 -17.80 26.02
CA ASP B 253 -3.95 -18.35 26.99
C ASP B 253 -2.55 -18.30 26.37
N PRO B 254 -1.89 -17.13 26.46
CA PRO B 254 -0.54 -16.91 25.91
C PRO B 254 0.61 -17.34 26.80
N HIS B 255 1.80 -17.40 26.20
CA HIS B 255 3.01 -17.73 26.92
C HIS B 255 3.34 -16.46 27.68
N PRO B 256 4.22 -16.54 28.68
CA PRO B 256 4.56 -15.32 29.43
C PRO B 256 5.19 -14.25 28.53
N GLY B 257 4.91 -12.98 28.82
CA GLY B 257 5.45 -11.90 28.02
C GLY B 257 6.96 -11.79 28.02
N ILE B 258 7.51 -11.11 27.01
CA ILE B 258 8.94 -10.93 26.88
C ILE B 258 9.30 -9.44 26.89
N LYS B 259 10.16 -9.04 27.83
CA LYS B 259 10.59 -7.65 27.97
C LYS B 259 11.66 -7.29 26.92
N ALA B 260 11.58 -6.06 26.41
CA ALA B 260 12.53 -5.60 25.40
C ALA B 260 12.56 -4.08 25.28
N PRO B 261 13.76 -3.49 25.11
CA PRO B 261 13.95 -2.03 24.98
C PRO B 261 13.36 -1.43 23.70
N VAL B 262 12.67 -0.29 23.84
CA VAL B 262 12.06 0.40 22.71
C VAL B 262 13.03 1.38 22.03
N ALA B 263 13.08 1.33 20.70
CA ALA B 263 13.96 2.21 19.93
C ALA B 263 13.21 3.49 19.60
N ILE B 264 13.70 4.62 20.11
CA ILE B 264 13.08 5.92 19.88
C ILE B 264 13.83 6.70 18.81
#